data_1DC1
#
_entry.id   1DC1
#
_cell.length_a   80.294
_cell.length_b   87.823
_cell.length_c   99.454
_cell.angle_alpha   90.00
_cell.angle_beta   90.00
_cell.angle_gamma   90.00
#
_symmetry.space_group_name_H-M   'P 21 21 21'
#
loop_
_entity.id
_entity.type
_entity.pdbx_description
1 polymer "DNA (5'-D(*T*AP*TP*AP*CP*TP*CP*GP*AP*GP*TP*AP*T)-3')"
2 polymer 'BSOBI RESTRICTION ENDONUCLEASE'
3 non-polymer '1,4-DIETHYLENE DIOXIDE'
4 water water
#
loop_
_entity_poly.entity_id
_entity_poly.type
_entity_poly.pdbx_seq_one_letter_code
_entity_poly.pdbx_strand_id
1 'polydeoxyribonucleotide' (DT)(DA)(DT)(DA)(DC)(DT)(DC)(DG)(DA)(DG)(DT)(DA)(DT) W,C
2 'polypeptide(L)'
;MNTQKPFENHLKSVDDLKTTYEEYRAGFIAFALEKNKRSTPYIERARALKVAASVAKTPKDLLYLEDIQDALLYASGISD
KAKKFLTEDDKKESINNLIENFLEPAGEEFIDELIFRYLLFQGDSLGGTMRNIAGALAQQKLTRAIISALDIANIPYKWL
DSRDKKYTNWMDKPEDDYELETFAKGISWTINGKHRTLMYNITVSLVKKNVDICLFNCEPEIYTPQKVHQQPEKYLLLGE
LKGGIDPAGADEHWKTANTALTRIRNKFSEKGLSPKTIFIGAAIEHSMAEEIWDQLQSGSLTNSANLTKTEQVGSLCRWI
INI
;
A,B
#
# COMPACT_ATOMS: atom_id res chain seq x y z
N LYS C 5 -33.07 3.51 -9.80
CA LYS C 5 -31.60 3.44 -9.58
C LYS C 5 -31.03 4.82 -9.11
N PRO C 6 -30.78 4.97 -7.78
CA PRO C 6 -30.25 6.14 -7.04
C PRO C 6 -29.07 6.75 -7.74
N PHE C 7 -28.16 5.88 -8.16
CA PHE C 7 -26.97 6.33 -8.84
C PHE C 7 -27.27 7.08 -10.13
N GLU C 8 -28.42 6.82 -10.76
CA GLU C 8 -28.72 7.49 -12.02
C GLU C 8 -29.01 8.95 -11.87
N ASN C 9 -29.21 9.40 -10.64
CA ASN C 9 -29.45 10.81 -10.34
C ASN C 9 -28.21 11.64 -10.59
N HIS C 10 -27.02 11.06 -10.41
CA HIS C 10 -25.78 11.80 -10.62
C HIS C 10 -24.78 11.18 -11.60
N LEU C 11 -25.09 9.99 -12.13
CA LEU C 11 -24.23 9.31 -13.11
C LEU C 11 -25.00 8.96 -14.36
N LYS C 12 -24.59 9.50 -15.49
CA LYS C 12 -25.27 9.14 -16.74
C LYS C 12 -24.42 8.18 -17.57
N SER C 13 -23.11 8.20 -17.39
CA SER C 13 -22.27 7.28 -18.13
C SER C 13 -21.11 6.85 -17.26
N VAL C 14 -20.46 5.77 -17.69
CA VAL C 14 -19.32 5.19 -17.00
C VAL C 14 -18.26 6.25 -16.73
N ASP C 15 -18.03 7.13 -17.68
CA ASP C 15 -16.97 8.08 -17.46
C ASP C 15 -17.31 9.26 -16.53
N ASP C 16 -18.56 9.37 -16.14
CA ASP C 16 -18.92 10.37 -15.15
C ASP C 16 -18.23 9.98 -13.84
N LEU C 17 -17.83 8.72 -13.68
CA LEU C 17 -17.15 8.30 -12.44
C LEU C 17 -15.65 8.62 -12.43
N LYS C 18 -15.08 8.85 -13.61
CA LYS C 18 -13.66 9.09 -13.71
C LYS C 18 -13.16 10.42 -13.15
N THR C 19 -12.04 10.37 -12.42
CA THR C 19 -11.44 11.55 -11.82
C THR C 19 -10.74 12.30 -12.93
N THR C 20 -10.82 13.62 -12.88
CA THR C 20 -10.22 14.45 -13.92
C THR C 20 -8.78 14.78 -13.60
N TYR C 21 -7.98 15.15 -14.61
CA TYR C 21 -6.59 15.47 -14.32
C TYR C 21 -6.55 16.71 -13.41
N GLU C 22 -7.47 17.65 -13.57
CA GLU C 22 -7.41 18.84 -12.72
C GLU C 22 -7.65 18.51 -11.25
N GLU C 23 -8.52 17.53 -10.97
CA GLU C 23 -8.77 17.14 -9.58
C GLU C 23 -7.57 16.36 -9.04
N TYR C 24 -6.88 15.59 -9.88
CA TYR C 24 -5.67 14.88 -9.43
C TYR C 24 -4.62 15.90 -9.09
N ARG C 25 -4.35 16.85 -10.00
CA ARG C 25 -3.33 17.89 -9.71
C ARG C 25 -3.71 18.63 -8.41
N ALA C 26 -4.97 19.04 -8.27
CA ALA C 26 -5.34 19.73 -7.06
C ALA C 26 -5.12 18.87 -5.80
N GLY C 27 -5.44 17.56 -5.87
CA GLY C 27 -5.25 16.65 -4.75
C GLY C 27 -3.77 16.51 -4.35
N PHE C 28 -2.92 16.31 -5.34
CA PHE C 28 -1.51 16.20 -5.08
C PHE C 28 -0.95 17.47 -4.43
N ILE C 29 -1.43 18.64 -4.87
CA ILE C 29 -0.96 19.91 -4.31
C ILE C 29 -1.41 20.04 -2.87
N ALA C 30 -2.65 19.65 -2.60
CA ALA C 30 -3.17 19.73 -1.25
C ALA C 30 -2.46 18.74 -0.32
N PHE C 31 -2.11 17.55 -0.84
CA PHE C 31 -1.39 16.54 -0.02
C PHE C 31 0.03 17.09 0.37
N ALA C 32 0.69 17.72 -0.59
CA ALA C 32 2.01 18.29 -0.40
C ALA C 32 1.92 19.42 0.63
N LEU C 33 0.87 20.24 0.55
CA LEU C 33 0.73 21.32 1.51
C LEU C 33 0.59 20.75 2.90
N GLU C 34 -0.16 19.65 3.04
CA GLU C 34 -0.39 19.08 4.35
C GLU C 34 0.89 18.42 4.85
N LYS C 35 1.63 17.79 3.93
CA LYS C 35 2.90 17.14 4.27
C LYS C 35 3.89 18.17 4.82
N ASN C 36 3.95 19.35 4.20
CA ASN C 36 4.86 20.39 4.68
C ASN C 36 4.43 20.85 6.06
N LYS C 37 3.13 20.94 6.29
CA LYS C 37 2.60 21.32 7.60
C LYS C 37 3.00 20.27 8.65
N ARG C 38 2.91 18.99 8.29
CA ARG C 38 3.24 17.94 9.25
C ARG C 38 4.73 17.61 9.40
N SER C 39 5.56 18.16 8.51
CA SER C 39 7.01 17.91 8.52
C SER C 39 7.79 18.56 9.64
N THR C 40 7.38 19.75 10.05
CA THR C 40 8.13 20.46 11.08
C THR C 40 8.47 19.71 12.36
N PRO C 41 7.52 18.96 13.00
CA PRO C 41 7.89 18.25 14.21
C PRO C 41 9.00 17.21 13.96
N TYR C 42 9.05 16.66 12.74
CA TYR C 42 10.08 15.70 12.40
C TYR C 42 11.47 16.37 12.35
N ILE C 43 11.56 17.52 11.66
CA ILE C 43 12.82 18.24 11.58
C ILE C 43 13.25 18.75 12.97
N GLU C 44 12.30 19.22 13.77
CA GLU C 44 12.60 19.71 15.09
C GLU C 44 13.10 18.58 15.98
N ARG C 45 12.54 17.39 15.83
CA ARG C 45 13.03 16.26 16.63
C ARG C 45 14.47 15.95 16.17
N ALA C 46 14.78 16.13 14.88
CA ALA C 46 16.14 15.86 14.41
C ALA C 46 17.08 16.90 15.04
N ARG C 47 16.65 18.17 15.09
CA ARG C 47 17.49 19.24 15.69
C ARG C 47 17.75 18.91 17.15
N ALA C 48 16.71 18.48 17.84
CA ALA C 48 16.84 18.17 19.24
C ALA C 48 17.69 16.94 19.45
N LEU C 49 17.60 15.95 18.54
CA LEU C 49 18.43 14.73 18.61
C LEU C 49 19.89 15.14 18.43
N LYS C 50 20.18 16.06 17.50
CA LYS C 50 21.56 16.47 17.35
C LYS C 50 22.09 17.15 18.62
N VAL C 51 21.26 17.97 19.28
CA VAL C 51 21.72 18.61 20.48
C VAL C 51 22.06 17.57 21.54
N ALA C 52 21.18 16.57 21.72
CA ALA C 52 21.38 15.52 22.73
C ALA C 52 22.55 14.58 22.40
N ALA C 53 22.68 14.22 21.13
CA ALA C 53 23.70 13.30 20.65
C ALA C 53 25.08 13.94 20.68
N SER C 54 25.13 15.26 20.53
CA SER C 54 26.38 15.99 20.47
C SER C 54 27.27 15.89 21.68
N VAL C 55 26.70 15.45 22.79
CA VAL C 55 27.41 15.24 24.03
C VAL C 55 28.44 14.10 23.86
N ALA C 56 28.12 13.13 22.99
CA ALA C 56 29.00 11.99 22.75
C ALA C 56 30.20 12.46 21.94
N LYS C 57 31.39 12.09 22.38
CA LYS C 57 32.58 12.51 21.68
C LYS C 57 32.97 11.44 20.68
N THR C 58 32.43 10.23 20.89
CA THR C 58 32.66 9.08 19.97
C THR C 58 31.35 8.32 19.72
N PRO C 59 31.24 7.61 18.55
CA PRO C 59 30.01 6.85 18.29
C PRO C 59 29.68 5.89 19.43
N LYS C 60 30.67 5.24 20.03
CA LYS C 60 30.42 4.34 21.14
C LYS C 60 29.80 5.08 22.30
N ASP C 61 30.14 6.35 22.48
CA ASP C 61 29.59 7.14 23.58
C ASP C 61 28.06 7.27 23.51
N LEU C 62 27.50 7.16 22.29
CA LEU C 62 26.06 7.33 22.10
C LEU C 62 25.26 6.25 22.80
N LEU C 63 25.93 5.13 23.06
CA LEU C 63 25.29 4.03 23.76
C LEU C 63 24.97 4.36 25.23
N TYR C 64 25.57 5.43 25.76
CA TYR C 64 25.35 5.79 27.13
C TYR C 64 24.35 6.92 27.34
N LEU C 65 23.83 7.47 26.25
CA LEU C 65 22.85 8.55 26.35
C LEU C 65 21.48 7.87 26.23
N GLU C 66 20.95 7.48 27.37
CA GLU C 66 19.68 6.79 27.44
C GLU C 66 18.55 7.48 26.69
N ASP C 67 18.52 8.79 26.75
CA ASP C 67 17.46 9.57 26.12
C ASP C 67 17.36 9.47 24.57
N ILE C 68 18.39 8.98 23.90
CA ILE C 68 18.38 8.89 22.45
C ILE C 68 18.34 7.45 21.92
N GLN C 69 18.19 6.48 22.80
CA GLN C 69 18.23 5.12 22.37
C GLN C 69 17.20 4.75 21.34
N ASP C 70 15.98 5.24 21.51
CA ASP C 70 14.92 4.96 20.56
C ASP C 70 15.26 5.55 19.19
N ALA C 71 15.76 6.78 19.14
CA ALA C 71 16.16 7.42 17.89
C ALA C 71 17.31 6.64 17.22
N LEU C 72 18.26 6.16 18.04
CA LEU C 72 19.40 5.37 17.58
C LEU C 72 18.87 4.10 16.87
N LEU C 73 17.91 3.45 17.49
CA LEU C 73 17.32 2.24 16.93
C LEU C 73 16.67 2.60 15.61
N TYR C 74 15.94 3.71 15.61
CA TYR C 74 15.29 4.13 14.37
C TYR C 74 16.31 4.43 13.27
N ALA C 75 17.33 5.22 13.61
CA ALA C 75 18.40 5.54 12.63
C ALA C 75 19.15 4.28 12.13
N SER C 76 19.14 3.20 12.93
CA SER C 76 19.77 1.94 12.59
C SER C 76 18.96 1.15 11.55
N GLY C 77 17.86 1.74 11.05
CA GLY C 77 17.05 1.13 10.00
C GLY C 77 15.83 0.34 10.44
N ILE C 78 15.44 0.48 11.72
CA ILE C 78 14.28 -0.23 12.30
C ILE C 78 13.02 0.67 12.43
N SER C 79 12.04 0.38 11.58
CA SER C 79 10.78 1.13 11.63
C SER C 79 10.04 0.72 12.93
N ASP C 80 9.07 1.51 13.37
CA ASP C 80 8.34 1.15 14.58
C ASP C 80 7.54 -0.14 14.33
N LYS C 81 7.15 -0.35 13.09
CA LYS C 81 6.41 -1.56 12.74
C LYS C 81 7.32 -2.77 12.90
N ALA C 82 8.56 -2.70 12.40
CA ALA C 82 9.50 -3.82 12.50
C ALA C 82 9.91 -4.06 13.96
N LYS C 83 9.98 -2.98 14.73
CA LYS C 83 10.44 -3.00 16.11
C LYS C 83 9.66 -4.00 16.96
N LYS C 84 8.38 -4.10 16.66
CA LYS C 84 7.50 -5.01 17.36
C LYS C 84 7.95 -6.47 17.36
N PHE C 85 8.67 -6.90 16.32
CA PHE C 85 9.10 -8.30 16.18
C PHE C 85 10.55 -8.59 16.64
N LEU C 86 11.24 -7.55 17.09
CA LEU C 86 12.61 -7.67 17.54
C LEU C 86 12.78 -7.90 19.04
N THR C 87 13.72 -8.74 19.43
CA THR C 87 14.02 -8.96 20.84
C THR C 87 14.97 -7.82 21.24
N GLU C 88 15.21 -7.65 22.52
CA GLU C 88 16.10 -6.58 22.96
C GLU C 88 17.50 -6.75 22.35
N ASP C 89 17.96 -7.98 22.21
CA ASP C 89 19.27 -8.30 21.64
C ASP C 89 19.34 -7.91 20.15
N ASP C 90 18.20 -8.10 19.44
CA ASP C 90 18.09 -7.77 18.01
C ASP C 90 18.32 -6.28 17.88
N LYS C 91 17.64 -5.55 18.73
CA LYS C 91 17.75 -4.11 18.75
C LYS C 91 19.17 -3.63 19.04
N LYS C 92 19.79 -4.19 20.08
CA LYS C 92 21.17 -3.89 20.52
C LYS C 92 22.06 -4.10 19.33
N GLU C 93 21.85 -5.23 18.69
CA GLU C 93 22.62 -5.62 17.54
C GLU C 93 22.47 -4.61 16.40
N SER C 94 21.24 -4.19 16.13
CA SER C 94 20.97 -3.23 15.09
C SER C 94 21.71 -1.91 15.39
N ILE C 95 21.66 -1.47 16.63
CA ILE C 95 22.32 -0.25 16.97
C ILE C 95 23.83 -0.42 16.80
N ASN C 96 24.39 -1.57 17.16
CA ASN C 96 25.84 -1.76 17.00
C ASN C 96 26.25 -1.72 15.55
N ASN C 97 25.38 -2.24 14.68
CA ASN C 97 25.64 -2.24 13.24
C ASN C 97 25.68 -0.80 12.75
N LEU C 98 24.80 0.02 13.26
CA LEU C 98 24.80 1.41 12.87
C LEU C 98 26.14 2.04 13.28
N ILE C 99 26.55 1.80 14.52
CA ILE C 99 27.79 2.34 15.04
C ILE C 99 29.00 1.86 14.22
N GLU C 100 29.11 0.56 14.06
CA GLU C 100 30.27 0.01 13.36
C GLU C 100 30.28 0.22 11.88
N ASN C 101 29.10 0.14 11.26
CA ASN C 101 29.00 0.25 9.81
C ASN C 101 28.90 1.63 9.25
N PHE C 102 28.35 2.56 10.02
CA PHE C 102 28.19 3.90 9.48
C PHE C 102 28.78 5.05 10.30
N LEU C 103 28.57 5.03 11.61
CA LEU C 103 29.07 6.16 12.43
C LEU C 103 30.61 6.20 12.59
N GLU C 104 31.24 5.07 12.90
CA GLU C 104 32.70 5.06 13.02
C GLU C 104 33.33 5.40 11.67
N PRO C 105 32.84 4.78 10.60
CA PRO C 105 33.45 5.17 9.33
C PRO C 105 33.25 6.67 8.92
N ALA C 106 32.21 7.35 9.46
CA ALA C 106 31.96 8.78 9.16
C ALA C 106 32.94 9.65 9.93
N GLY C 107 33.66 9.01 10.84
CA GLY C 107 34.69 9.68 11.63
C GLY C 107 34.25 10.95 12.29
N GLU C 108 34.84 12.05 11.84
CA GLU C 108 34.50 13.36 12.39
C GLU C 108 33.05 13.77 12.10
N GLU C 109 32.47 13.23 11.03
CA GLU C 109 31.11 13.60 10.67
C GLU C 109 30.13 12.61 11.22
N PHE C 110 30.48 11.89 12.28
CA PHE C 110 29.54 10.91 12.80
C PHE C 110 28.17 11.42 13.36
N ILE C 111 28.10 12.62 13.93
CA ILE C 111 26.84 13.09 14.46
C ILE C 111 25.92 13.36 13.28
N ASP C 112 26.38 14.07 12.25
CA ASP C 112 25.53 14.31 11.09
C ASP C 112 25.19 12.97 10.41
N GLU C 113 26.11 12.00 10.41
CA GLU C 113 25.76 10.69 9.83
C GLU C 113 24.53 10.15 10.57
N LEU C 114 24.54 10.20 11.88
CA LEU C 114 23.42 9.73 12.65
C LEU C 114 22.14 10.55 12.36
N ILE C 115 22.23 11.87 12.38
CA ILE C 115 21.05 12.73 12.11
C ILE C 115 20.44 12.51 10.71
N PHE C 116 21.31 12.42 9.70
CA PHE C 116 20.92 12.20 8.33
C PHE C 116 20.20 10.85 8.22
N ARG C 117 20.73 9.81 8.88
CA ARG C 117 20.12 8.47 8.86
C ARG C 117 18.78 8.46 9.62
N TYR C 118 18.75 9.12 10.79
CA TYR C 118 17.53 9.26 11.57
C TYR C 118 16.41 9.88 10.66
N LEU C 119 16.71 10.97 9.95
CA LEU C 119 15.75 11.64 9.06
C LEU C 119 15.35 10.80 7.85
N LEU C 120 16.34 10.20 7.19
CA LEU C 120 16.05 9.35 6.07
C LEU C 120 15.02 8.25 6.44
N PHE C 121 15.22 7.56 7.56
CA PHE C 121 14.28 6.51 7.96
C PHE C 121 12.96 7.10 8.51
N GLN C 122 13.04 8.21 9.23
CA GLN C 122 11.89 8.88 9.77
C GLN C 122 10.99 9.39 8.58
N GLY C 123 11.57 9.59 7.39
CA GLY C 123 10.77 10.01 6.26
C GLY C 123 9.69 8.98 5.88
N ASP C 124 9.98 7.71 6.11
CA ASP C 124 9.00 6.68 5.80
C ASP C 124 7.91 6.72 6.89
N SER C 125 8.29 7.13 8.10
CA SER C 125 7.31 7.29 9.17
C SER C 125 6.34 8.44 8.85
N LEU C 126 6.88 9.56 8.36
CA LEU C 126 6.04 10.70 7.98
C LEU C 126 5.15 10.29 6.82
N GLY C 127 5.68 9.52 5.89
CA GLY C 127 4.88 9.02 4.78
C GLY C 127 3.70 8.20 5.33
N GLY C 128 3.96 7.32 6.32
CA GLY C 128 2.91 6.51 6.96
C GLY C 128 1.82 7.38 7.58
N THR C 129 2.25 8.38 8.33
CA THR C 129 1.37 9.34 9.00
C THR C 129 0.49 10.06 8.01
N MET C 130 1.10 10.48 6.89
CA MET C 130 0.37 11.20 5.84
C MET C 130 -0.70 10.36 5.16
N ARG C 131 -0.44 9.06 4.98
CA ARG C 131 -1.42 8.19 4.32
C ARG C 131 -2.66 8.10 5.22
N ASN C 132 -2.45 8.02 6.54
CA ASN C 132 -3.57 7.94 7.50
C ASN C 132 -4.29 9.28 7.56
N ILE C 133 -3.55 10.37 7.44
CA ILE C 133 -4.16 11.71 7.45
C ILE C 133 -5.07 11.88 6.24
N ALA C 134 -4.61 11.44 5.08
CA ALA C 134 -5.40 11.49 3.85
C ALA C 134 -6.73 10.73 4.03
N GLY C 135 -6.70 9.57 4.68
CA GLY C 135 -7.91 8.81 4.95
C GLY C 135 -8.90 9.57 5.84
N ALA C 136 -8.41 10.14 6.95
CA ALA C 136 -9.22 10.89 7.90
C ALA C 136 -9.87 12.08 7.22
N LEU C 137 -9.09 12.79 6.42
CA LEU C 137 -9.62 13.96 5.73
C LEU C 137 -10.77 13.58 4.77
N ALA C 138 -10.65 12.41 4.12
CA ALA C 138 -11.70 11.89 3.21
C ALA C 138 -12.97 11.61 4.02
N GLN C 139 -12.82 10.93 5.15
CA GLN C 139 -13.96 10.69 6.04
C GLN C 139 -14.61 12.06 6.44
N GLN C 140 -13.80 13.06 6.79
CA GLN C 140 -14.33 14.36 7.18
C GLN C 140 -15.12 15.05 6.09
N LYS C 141 -14.67 14.87 4.86
CA LYS C 141 -15.31 15.45 3.69
C LYS C 141 -16.70 14.84 3.50
N LEU C 142 -16.80 13.52 3.67
CA LEU C 142 -18.07 12.88 3.52
C LEU C 142 -19.00 13.35 4.65
N THR C 143 -18.49 13.43 5.88
CA THR C 143 -19.34 13.85 7.01
C THR C 143 -19.84 15.29 6.81
N ARG C 144 -18.96 16.15 6.32
CA ARG C 144 -19.35 17.51 6.03
C ARG C 144 -20.54 17.55 5.07
N ALA C 145 -20.48 16.69 4.04
CA ALA C 145 -21.53 16.57 3.01
C ALA C 145 -22.86 16.04 3.63
N ILE C 146 -22.73 15.12 4.56
CA ILE C 146 -23.88 14.54 5.22
C ILE C 146 -24.52 15.59 6.17
N ILE C 147 -23.72 16.26 7.02
CA ILE C 147 -24.31 17.25 7.90
C ILE C 147 -24.84 18.46 7.15
N SER C 148 -24.20 18.83 6.06
CA SER C 148 -24.72 19.95 5.30
C SER C 148 -26.06 19.59 4.69
N ALA C 149 -26.16 18.37 4.17
CA ALA C 149 -27.40 17.85 3.60
C ALA C 149 -28.52 17.93 4.64
N LEU C 150 -28.25 17.50 5.88
CA LEU C 150 -29.26 17.53 6.98
C LEU C 150 -29.61 18.98 7.31
N ASP C 151 -28.58 19.84 7.38
CA ASP C 151 -28.77 21.26 7.69
C ASP C 151 -29.62 21.96 6.64
N ILE C 152 -29.29 21.75 5.37
CA ILE C 152 -30.02 22.39 4.30
C ILE C 152 -31.47 21.91 4.30
N ALA C 153 -31.70 20.67 4.77
CA ALA C 153 -33.07 20.07 4.85
C ALA C 153 -33.79 20.37 6.18
N ASN C 154 -33.14 21.16 7.02
CA ASN C 154 -33.69 21.50 8.33
C ASN C 154 -34.00 20.25 9.18
N ILE C 155 -33.06 19.31 9.21
CA ILE C 155 -33.23 18.09 9.96
C ILE C 155 -32.19 18.04 11.08
N PRO C 156 -32.62 18.06 12.34
CA PRO C 156 -31.57 18.00 13.36
C PRO C 156 -30.87 16.65 13.37
N TYR C 157 -29.77 16.60 14.11
CA TYR C 157 -29.02 15.37 14.23
C TYR C 157 -28.20 15.40 15.50
N LYS C 158 -27.73 14.22 15.92
CA LYS C 158 -26.87 14.12 17.08
C LYS C 158 -25.54 13.58 16.54
N TRP C 159 -24.49 13.80 17.28
CA TRP C 159 -23.23 13.34 16.82
C TRP C 159 -22.37 12.72 17.93
N LEU C 160 -21.44 11.87 17.50
CA LEU C 160 -20.52 11.14 18.39
C LEU C 160 -19.08 11.67 18.23
N ASP C 161 -18.50 12.11 19.33
CA ASP C 161 -17.14 12.66 19.31
C ASP C 161 -16.10 11.55 19.18
N SER C 162 -15.29 11.57 18.15
CA SER C 162 -14.27 10.55 17.95
C SER C 162 -13.16 10.71 18.98
N ARG C 163 -13.12 11.88 19.62
CA ARG C 163 -12.09 12.19 20.61
C ARG C 163 -12.10 11.33 21.89
N ASP C 164 -13.26 10.93 22.41
CA ASP C 164 -13.12 9.98 23.49
C ASP C 164 -13.68 8.70 23.01
N LYS C 165 -12.77 7.74 23.13
CA LYS C 165 -12.90 6.41 22.67
C LYS C 165 -14.03 5.60 23.24
N LYS C 166 -14.77 6.18 24.18
CA LYS C 166 -15.91 5.47 24.78
C LYS C 166 -16.96 5.23 23.68
N TYR C 167 -17.13 6.25 22.82
CA TYR C 167 -18.07 6.18 21.71
C TYR C 167 -19.47 5.93 22.22
N THR C 168 -19.91 6.76 23.15
CA THR C 168 -21.25 6.60 23.69
C THR C 168 -21.95 7.94 23.96
N ASN C 169 -21.16 9.01 24.09
CA ASN C 169 -21.69 10.34 24.34
C ASN C 169 -22.30 10.92 23.07
N TRP C 170 -23.53 10.55 22.72
CA TRP C 170 -24.16 11.15 21.55
C TRP C 170 -24.63 12.55 21.97
N MET C 171 -24.20 13.55 21.22
CA MET C 171 -24.54 14.91 21.51
C MET C 171 -25.39 15.58 20.45
N ASP C 172 -26.16 16.56 20.90
CA ASP C 172 -26.99 17.38 20.03
C ASP C 172 -26.10 18.23 19.11
N LYS C 173 -26.52 18.37 17.87
CA LYS C 173 -25.81 19.20 16.92
C LYS C 173 -25.69 20.61 17.57
N PRO C 174 -24.51 21.29 17.46
CA PRO C 174 -24.37 22.64 18.06
C PRO C 174 -25.05 23.63 17.09
N GLU C 175 -25.37 24.87 17.53
CA GLU C 175 -26.04 25.81 16.62
C GLU C 175 -25.29 26.03 15.30
N ASP C 176 -23.96 26.18 15.40
CA ASP C 176 -23.10 26.30 14.20
C ASP C 176 -22.24 25.02 14.25
N ASP C 177 -22.46 24.13 13.29
CA ASP C 177 -21.68 22.92 13.28
C ASP C 177 -20.43 23.08 12.37
N TYR C 178 -19.97 24.34 12.19
CA TYR C 178 -18.75 24.61 11.42
C TYR C 178 -17.65 23.64 11.90
N GLU C 179 -17.08 22.90 10.97
CA GLU C 179 -16.05 21.94 11.24
C GLU C 179 -16.34 20.83 12.25
N LEU C 180 -17.63 20.53 12.44
CA LEU C 180 -18.03 19.45 13.36
C LEU C 180 -17.47 18.12 12.81
N GLU C 181 -17.37 18.05 11.48
CA GLU C 181 -16.87 16.86 10.77
C GLU C 181 -15.45 16.42 11.17
N THR C 182 -14.67 17.36 11.70
CA THR C 182 -13.33 17.08 12.13
C THR C 182 -13.28 16.08 13.25
N PHE C 183 -14.34 15.98 14.04
CA PHE C 183 -14.34 15.04 15.16
C PHE C 183 -15.55 14.16 15.30
N ALA C 184 -16.27 13.94 14.22
CA ALA C 184 -17.44 13.09 14.27
C ALA C 184 -17.12 11.66 13.84
N LYS C 185 -17.36 10.72 14.75
CA LYS C 185 -17.19 9.29 14.51
C LYS C 185 -18.54 8.73 13.98
N GLY C 186 -19.64 9.44 14.24
CA GLY C 186 -20.95 9.02 13.78
C GLY C 186 -21.91 10.19 13.77
N ILE C 187 -23.03 10.03 13.08
CA ILE C 187 -24.07 11.08 12.95
C ILE C 187 -25.37 10.32 13.02
N SER C 188 -26.35 10.87 13.73
CA SER C 188 -27.64 10.19 13.85
C SER C 188 -28.79 11.12 13.57
N TRP C 189 -29.81 10.65 12.86
CA TRP C 189 -30.96 11.51 12.55
C TRP C 189 -32.27 10.68 12.46
N THR C 190 -33.38 11.40 12.27
CA THR C 190 -34.71 10.80 12.09
C THR C 190 -35.37 11.49 10.87
N ILE C 191 -35.82 10.69 9.90
CA ILE C 191 -36.42 11.20 8.70
C ILE C 191 -37.61 10.29 8.44
N ASN C 192 -38.75 10.94 8.30
CA ASN C 192 -40.05 10.32 8.08
C ASN C 192 -40.35 9.19 9.10
N GLY C 193 -40.03 9.46 10.35
CA GLY C 193 -40.27 8.50 11.41
C GLY C 193 -39.17 7.48 11.65
N LYS C 194 -38.35 7.24 10.62
CA LYS C 194 -37.23 6.30 10.71
C LYS C 194 -36.02 6.91 11.40
N HIS C 195 -35.41 6.16 12.33
CA HIS C 195 -34.20 6.61 13.04
C HIS C 195 -33.00 5.99 12.35
N ARG C 196 -32.01 6.81 12.03
CA ARG C 196 -30.84 6.33 11.29
C ARG C 196 -29.54 6.73 11.98
N THR C 197 -28.58 5.81 12.06
CA THR C 197 -27.29 6.10 12.66
C THR C 197 -26.12 5.69 11.73
N LEU C 198 -25.34 6.69 11.38
CA LEU C 198 -24.17 6.47 10.53
C LEU C 198 -22.92 6.39 11.40
N MET C 199 -22.10 5.35 11.20
CA MET C 199 -20.88 5.18 12.00
C MET C 199 -19.72 4.86 11.03
N TYR C 200 -18.50 5.28 11.37
CA TYR C 200 -17.35 5.00 10.51
C TYR C 200 -16.45 3.98 11.14
N ASN C 201 -15.83 3.16 10.31
CA ASN C 201 -14.86 2.15 10.76
C ASN C 201 -15.28 1.30 11.94
N ILE C 202 -16.30 0.52 11.67
CA ILE C 202 -16.89 -0.35 12.64
C ILE C 202 -16.59 -1.80 12.27
N THR C 203 -16.28 -2.60 13.29
CA THR C 203 -16.06 -4.01 13.04
C THR C 203 -17.45 -4.63 12.90
N VAL C 204 -17.69 -5.23 11.75
CA VAL C 204 -18.99 -5.81 11.45
C VAL C 204 -18.98 -7.30 11.77
N SER C 205 -19.70 -7.62 12.82
CA SER C 205 -19.92 -8.96 13.37
C SER C 205 -19.99 -10.18 12.43
N LEU C 206 -20.82 -10.11 11.40
CA LEU C 206 -21.00 -11.26 10.52
C LEU C 206 -19.82 -11.53 9.62
N VAL C 207 -19.23 -10.47 9.04
CA VAL C 207 -18.04 -10.63 8.19
C VAL C 207 -16.77 -10.69 9.05
N LYS C 208 -16.82 -10.17 10.29
CA LYS C 208 -15.66 -10.09 11.22
C LYS C 208 -14.54 -9.25 10.56
N LYS C 209 -14.95 -8.17 9.91
CA LYS C 209 -14.06 -7.25 9.23
C LYS C 209 -14.56 -5.85 9.51
N ASN C 210 -13.65 -4.92 9.43
CA ASN C 210 -13.95 -3.52 9.63
C ASN C 210 -14.60 -2.97 8.35
N VAL C 211 -15.56 -2.04 8.47
CA VAL C 211 -16.17 -1.44 7.28
C VAL C 211 -16.09 0.07 7.48
N ASP C 212 -15.73 0.77 6.40
CA ASP C 212 -15.55 2.24 6.42
C ASP C 212 -16.82 3.02 6.87
N ILE C 213 -17.93 2.66 6.25
CA ILE C 213 -19.22 3.34 6.45
C ILE C 213 -20.32 2.32 6.80
N CYS C 214 -21.01 2.54 7.93
CA CYS C 214 -22.13 1.68 8.35
C CYS C 214 -23.33 2.56 8.68
N LEU C 215 -24.48 2.22 8.10
CA LEU C 215 -25.75 2.91 8.39
C LEU C 215 -26.65 1.87 9.11
N PHE C 216 -27.07 2.24 10.32
CA PHE C 216 -27.91 1.41 11.16
C PHE C 216 -29.33 1.87 11.17
N ASN C 217 -30.24 0.91 11.18
CA ASN C 217 -31.65 1.19 11.26
C ASN C 217 -31.77 1.16 12.79
N CYS C 218 -31.46 2.26 13.45
CA CYS C 218 -31.45 2.32 14.91
C CYS C 218 -31.10 3.72 15.44
N GLU C 219 -31.90 4.24 16.34
CA GLU C 219 -31.62 5.54 16.91
C GLU C 219 -30.33 5.28 17.65
N PRO C 220 -29.55 6.33 17.94
CA PRO C 220 -28.27 6.18 18.67
C PRO C 220 -28.33 5.13 19.79
N GLN C 230 -23.57 -6.62 17.27
CA GLN C 230 -24.24 -7.56 16.31
C GLN C 230 -25.59 -7.05 15.79
N GLN C 231 -26.54 -7.96 15.63
CA GLN C 231 -27.83 -7.61 15.08
C GLN C 231 -27.52 -7.15 13.66
N PRO C 232 -27.07 -8.11 12.82
CA PRO C 232 -26.71 -7.92 11.40
C PRO C 232 -27.87 -7.32 10.63
N GLU C 233 -29.09 -7.59 11.10
CA GLU C 233 -30.29 -7.06 10.44
C GLU C 233 -30.51 -5.55 10.72
N LYS C 234 -29.72 -4.96 11.63
CA LYS C 234 -29.84 -3.55 11.92
C LYS C 234 -29.01 -2.76 10.92
N TYR C 235 -28.31 -3.48 10.03
CA TYR C 235 -27.47 -2.85 9.01
C TYR C 235 -28.18 -2.57 7.69
N LEU C 236 -28.46 -1.29 7.45
CA LEU C 236 -29.14 -0.86 6.23
C LEU C 236 -28.18 -0.72 5.07
N LEU C 237 -26.96 -0.27 5.37
CA LEU C 237 -25.96 -0.04 4.33
C LEU C 237 -24.59 -0.19 4.89
N LEU C 238 -23.70 -0.70 4.02
CA LEU C 238 -22.25 -0.90 4.29
C LEU C 238 -21.51 -0.33 3.04
N GLY C 239 -20.48 0.46 3.26
CA GLY C 239 -19.79 1.05 2.13
C GLY C 239 -18.30 1.23 2.36
N GLU C 240 -17.56 1.27 1.25
CA GLU C 240 -16.11 1.46 1.28
C GLU C 240 -15.86 2.90 0.79
N LEU C 241 -14.96 3.62 1.46
CA LEU C 241 -14.64 5.02 1.12
C LEU C 241 -13.13 5.10 0.90
N LYS C 242 -12.69 5.48 -0.31
CA LYS C 242 -11.24 5.62 -0.60
C LYS C 242 -10.95 7.07 -0.94
N GLY C 243 -10.22 7.75 -0.05
CA GLY C 243 -9.89 9.15 -0.21
C GLY C 243 -8.55 9.39 -0.88
N GLY C 244 -7.89 8.32 -1.34
CA GLY C 244 -6.59 8.47 -1.99
C GLY C 244 -6.73 9.28 -3.26
N ILE C 245 -5.74 10.14 -3.54
CA ILE C 245 -5.75 10.96 -4.77
C ILE C 245 -4.80 10.41 -5.85
N ASP C 246 -4.06 9.37 -5.53
CA ASP C 246 -3.11 8.81 -6.48
C ASP C 246 -3.76 7.91 -7.54
N PRO C 247 -3.72 8.31 -8.82
CA PRO C 247 -4.34 7.41 -9.80
C PRO C 247 -3.66 6.03 -9.84
N ALA C 248 -2.36 5.95 -9.54
CA ALA C 248 -1.62 4.68 -9.53
C ALA C 248 -2.11 3.67 -8.44
N GLY C 249 -2.87 4.21 -7.47
CA GLY C 249 -3.43 3.40 -6.38
C GLY C 249 -4.91 3.19 -6.61
N ALA C 250 -5.50 3.84 -7.62
CA ALA C 250 -6.93 3.71 -7.90
C ALA C 250 -7.38 2.25 -8.07
N ASP C 251 -6.85 1.55 -9.08
CA ASP C 251 -7.25 0.16 -9.30
C ASP C 251 -6.82 -0.74 -8.13
N GLU C 252 -5.65 -0.47 -7.56
CA GLU C 252 -5.15 -1.25 -6.43
C GLU C 252 -6.17 -1.29 -5.26
N HIS C 253 -6.58 -0.12 -4.77
CA HIS C 253 -7.47 -0.04 -3.65
C HIS C 253 -8.89 -0.42 -4.01
N TRP C 254 -9.24 -0.34 -5.29
CA TRP C 254 -10.58 -0.76 -5.71
C TRP C 254 -10.58 -2.31 -5.71
N LYS C 255 -9.49 -2.94 -6.15
CA LYS C 255 -9.43 -4.43 -6.14
C LYS C 255 -9.62 -4.89 -4.69
N THR C 256 -8.97 -4.21 -3.77
CA THR C 256 -9.08 -4.51 -2.33
C THR C 256 -10.53 -4.36 -1.86
N ALA C 257 -11.14 -3.19 -2.14
CA ALA C 257 -12.51 -2.84 -1.77
C ALA C 257 -13.53 -3.85 -2.28
N ASN C 258 -13.29 -4.29 -3.50
CA ASN C 258 -14.19 -5.22 -4.10
C ASN C 258 -14.25 -6.54 -3.34
N THR C 259 -13.10 -7.04 -2.85
CA THR C 259 -13.13 -8.25 -2.05
C THR C 259 -13.83 -7.96 -0.72
N ALA C 260 -13.55 -6.79 -0.11
CA ALA C 260 -14.25 -6.41 1.12
C ALA C 260 -15.78 -6.44 0.89
N LEU C 261 -16.26 -5.84 -0.21
CA LEU C 261 -17.70 -5.79 -0.48
C LEU C 261 -18.31 -7.19 -0.77
N THR C 262 -17.51 -8.04 -1.40
CA THR C 262 -17.92 -9.40 -1.68
C THR C 262 -18.02 -10.20 -0.36
N ARG C 263 -17.04 -10.07 0.53
CA ARG C 263 -17.16 -10.75 1.80
C ARG C 263 -18.48 -10.32 2.47
N ILE C 264 -18.80 -9.04 2.41
CA ILE C 264 -20.02 -8.48 3.02
C ILE C 264 -21.28 -9.08 2.44
N ARG C 265 -21.39 -9.04 1.12
CA ARG C 265 -22.53 -9.59 0.41
C ARG C 265 -22.69 -11.06 0.70
N ASN C 266 -21.57 -11.76 0.66
CA ASN C 266 -21.55 -13.20 0.92
C ASN C 266 -22.06 -13.57 2.32
N LYS C 267 -21.44 -13.03 3.35
CA LYS C 267 -21.86 -13.29 4.73
C LYS C 267 -23.26 -12.85 5.05
N PHE C 268 -23.67 -11.67 4.59
CA PHE C 268 -25.03 -11.25 4.86
C PHE C 268 -26.08 -12.10 4.11
N SER C 269 -25.89 -12.40 2.83
CA SER C 269 -26.87 -13.21 2.07
C SER C 269 -27.10 -14.55 2.74
N GLU C 270 -26.02 -15.10 3.29
CA GLU C 270 -26.07 -16.37 3.99
C GLU C 270 -27.12 -16.31 5.05
N LYS C 271 -27.26 -15.14 5.63
CA LYS C 271 -28.23 -14.96 6.68
C LYS C 271 -29.54 -14.45 6.13
N GLY C 272 -29.69 -14.42 4.80
CA GLY C 272 -30.92 -13.90 4.24
C GLY C 272 -31.04 -12.37 4.29
N LEU C 273 -29.90 -11.70 4.47
CA LEU C 273 -29.88 -10.23 4.55
C LEU C 273 -29.30 -9.60 3.28
N SER C 274 -29.85 -8.47 2.89
CA SER C 274 -29.38 -7.81 1.72
C SER C 274 -29.12 -6.29 1.98
N PRO C 275 -28.15 -5.92 2.89
CA PRO C 275 -27.86 -4.50 3.17
C PRO C 275 -27.44 -3.81 1.87
N LYS C 276 -27.65 -2.51 1.71
CA LYS C 276 -27.22 -1.85 0.50
C LYS C 276 -25.74 -1.70 0.59
N THR C 277 -25.07 -1.59 -0.54
CA THR C 277 -23.62 -1.40 -0.54
C THR C 277 -23.23 -0.21 -1.42
N ILE C 278 -22.20 0.50 -1.00
CA ILE C 278 -21.69 1.61 -1.80
C ILE C 278 -20.17 1.65 -1.82
N PHE C 279 -19.67 2.36 -2.83
CA PHE C 279 -18.25 2.60 -3.03
C PHE C 279 -18.08 4.06 -3.39
N ILE C 280 -17.26 4.75 -2.62
CA ILE C 280 -16.97 6.15 -2.88
C ILE C 280 -15.47 6.23 -3.03
N GLY C 281 -14.99 6.84 -4.12
CA GLY C 281 -13.55 6.96 -4.28
C GLY C 281 -13.12 8.31 -4.88
N ALA C 282 -11.99 8.86 -4.45
CA ALA C 282 -11.47 10.12 -5.01
C ALA C 282 -10.65 9.88 -6.29
N ALA C 283 -9.98 8.73 -6.39
CA ALA C 283 -9.18 8.35 -7.56
C ALA C 283 -9.89 7.17 -8.27
N ILE C 284 -10.57 7.48 -9.36
CA ILE C 284 -11.29 6.46 -10.12
C ILE C 284 -10.82 6.53 -11.56
N GLU C 285 -10.29 5.39 -12.02
CA GLU C 285 -9.75 5.28 -13.39
C GLU C 285 -10.76 4.58 -14.32
N HIS C 286 -10.50 4.60 -15.62
CA HIS C 286 -11.47 4.03 -16.55
C HIS C 286 -11.89 2.56 -16.36
N SER C 287 -10.91 1.67 -16.25
CA SER C 287 -11.16 0.24 -16.09
C SER C 287 -12.02 -0.08 -14.86
N MET C 288 -11.62 0.42 -13.68
CA MET C 288 -12.43 0.18 -12.47
C MET C 288 -13.80 0.90 -12.59
N ALA C 289 -13.89 2.04 -13.32
CA ALA C 289 -15.15 2.76 -13.54
C ALA C 289 -16.12 1.85 -14.27
N GLU C 290 -15.61 1.12 -15.27
CA GLU C 290 -16.46 0.17 -15.99
C GLU C 290 -16.99 -0.91 -15.07
N GLU C 291 -16.13 -1.43 -14.20
CA GLU C 291 -16.57 -2.46 -13.28
C GLU C 291 -17.59 -1.93 -12.25
N ILE C 292 -17.38 -0.71 -11.74
CA ILE C 292 -18.32 -0.10 -10.80
C ILE C 292 -19.68 0.07 -11.53
N TRP C 293 -19.62 0.61 -12.75
CA TRP C 293 -20.83 0.82 -13.59
C TRP C 293 -21.58 -0.50 -13.80
N ASP C 294 -20.86 -1.55 -14.14
CA ASP C 294 -21.45 -2.88 -14.32
C ASP C 294 -22.16 -3.36 -13.04
N GLN C 295 -21.51 -3.19 -11.88
CA GLN C 295 -22.11 -3.62 -10.63
C GLN C 295 -23.33 -2.78 -10.27
N LEU C 296 -23.30 -1.49 -10.57
CA LEU C 296 -24.47 -0.63 -10.31
C LEU C 296 -25.64 -1.12 -11.21
N GLN C 297 -25.34 -1.36 -12.48
CA GLN C 297 -26.37 -1.82 -13.41
C GLN C 297 -26.95 -3.19 -13.03
N SER C 298 -26.12 -4.10 -12.56
CA SER C 298 -26.60 -5.42 -12.21
C SER C 298 -27.24 -5.46 -10.86
N GLY C 299 -27.21 -4.35 -10.11
CA GLY C 299 -27.74 -4.32 -8.76
C GLY C 299 -26.80 -4.88 -7.66
N SER C 300 -25.57 -5.28 -8.00
CA SER C 300 -24.64 -5.81 -6.99
C SER C 300 -24.16 -4.67 -6.08
N LEU C 301 -23.97 -3.49 -6.66
CA LEU C 301 -23.54 -2.32 -5.94
C LEU C 301 -24.76 -1.36 -5.98
N THR C 302 -25.20 -0.85 -4.83
CA THR C 302 -26.36 0.03 -4.78
C THR C 302 -26.14 1.47 -5.23
N ASN C 303 -24.97 2.05 -4.94
CA ASN C 303 -24.67 3.43 -5.30
C ASN C 303 -23.17 3.67 -5.26
N SER C 304 -22.73 4.71 -5.95
CA SER C 304 -21.30 5.05 -6.00
C SER C 304 -21.18 6.53 -6.29
N ALA C 305 -20.06 7.13 -5.89
CA ALA C 305 -19.81 8.52 -6.18
C ALA C 305 -18.29 8.75 -6.23
N ASN C 306 -17.88 9.71 -7.07
CA ASN C 306 -16.48 10.09 -7.13
C ASN C 306 -16.40 11.21 -6.10
N LEU C 307 -15.59 11.03 -5.04
CA LEU C 307 -15.47 11.98 -3.96
C LEU C 307 -14.99 13.37 -4.35
N THR C 308 -14.30 13.51 -5.49
CA THR C 308 -13.85 14.84 -5.91
C THR C 308 -14.94 15.63 -6.64
N LYS C 309 -16.09 14.99 -6.89
CA LYS C 309 -17.20 15.61 -7.62
C LYS C 309 -18.37 15.88 -6.70
N THR C 310 -18.44 17.14 -6.33
CA THR C 310 -19.45 17.59 -5.38
C THR C 310 -20.90 17.24 -5.71
N GLU C 311 -21.30 17.35 -6.95
CA GLU C 311 -22.66 17.00 -7.26
C GLU C 311 -22.92 15.52 -7.00
N GLN C 312 -21.92 14.67 -7.22
CA GLN C 312 -22.11 13.24 -7.01
C GLN C 312 -22.21 12.96 -5.53
N VAL C 313 -21.29 13.56 -4.78
CA VAL C 313 -21.27 13.32 -3.35
C VAL C 313 -22.59 13.84 -2.73
N GLY C 314 -23.03 15.04 -3.13
CA GLY C 314 -24.28 15.57 -2.58
C GLY C 314 -25.47 14.68 -2.87
N SER C 315 -25.59 14.24 -4.13
CA SER C 315 -26.69 13.37 -4.52
C SER C 315 -26.65 12.07 -3.71
N LEU C 316 -25.47 11.47 -3.53
CA LEU C 316 -25.35 10.23 -2.77
C LEU C 316 -25.74 10.45 -1.30
N CYS C 317 -25.28 11.56 -0.70
CA CYS C 317 -25.59 11.89 0.70
C CYS C 317 -27.07 12.19 0.91
N ARG C 318 -27.72 12.87 -0.04
CA ARG C 318 -29.17 13.10 0.11
C ARG C 318 -29.86 11.76 0.10
N TRP C 319 -29.44 10.86 -0.79
CA TRP C 319 -30.02 9.53 -0.90
C TRP C 319 -29.79 8.75 0.41
N ILE C 320 -28.57 8.82 0.96
CA ILE C 320 -28.24 8.12 2.22
C ILE C 320 -29.13 8.55 3.34
N ILE C 321 -29.36 9.85 3.45
CA ILE C 321 -30.20 10.41 4.52
C ILE C 321 -31.67 9.93 4.42
N ASN C 322 -32.12 9.63 3.22
CA ASN C 322 -33.48 9.20 2.97
C ASN C 322 -33.71 7.73 2.90
N ILE C 323 -32.66 6.95 3.10
CA ILE C 323 -32.73 5.48 3.08
C ILE C 323 -33.54 4.95 4.30
N GLN D 4 -3.50 -36.17 -2.22
CA GLN D 4 -4.13 -36.42 -3.56
C GLN D 4 -4.15 -35.13 -4.41
N LYS D 5 -5.03 -34.18 -4.04
CA LYS D 5 -5.12 -32.88 -4.72
C LYS D 5 -3.70 -32.29 -4.62
N PRO D 6 -3.32 -31.45 -5.60
CA PRO D 6 -1.99 -30.89 -5.56
C PRO D 6 -1.61 -30.33 -4.20
N PHE D 7 -2.42 -29.38 -3.74
CA PHE D 7 -2.16 -28.72 -2.48
C PHE D 7 -2.16 -29.67 -1.28
N GLU D 8 -2.83 -30.82 -1.38
CA GLU D 8 -2.88 -31.75 -0.24
C GLU D 8 -1.51 -32.39 0.02
N ASN D 9 -0.63 -32.29 -0.95
CA ASN D 9 0.70 -32.85 -0.76
C ASN D 9 1.48 -32.09 0.33
N HIS D 10 1.25 -30.79 0.47
CA HIS D 10 1.99 -30.04 1.50
C HIS D 10 1.09 -29.33 2.50
N LEU D 11 -0.23 -29.35 2.30
CA LEU D 11 -1.20 -28.71 3.22
C LEU D 11 -2.16 -29.72 3.78
N LYS D 12 -2.17 -29.88 5.10
CA LYS D 12 -3.08 -30.82 5.71
C LYS D 12 -4.17 -30.08 6.49
N SER D 13 -3.91 -28.85 6.86
CA SER D 13 -4.91 -28.07 7.62
C SER D 13 -4.76 -26.59 7.25
N VAL D 14 -5.82 -25.82 7.55
CA VAL D 14 -5.85 -24.39 7.26
C VAL D 14 -4.65 -23.69 7.81
N ASP D 15 -4.28 -24.04 9.03
CA ASP D 15 -3.17 -23.28 9.57
C ASP D 15 -1.76 -23.74 9.11
N ASP D 16 -1.72 -24.74 8.23
CA ASP D 16 -0.46 -25.12 7.64
C ASP D 16 -0.05 -23.90 6.76
N LEU D 17 -1.03 -23.14 6.31
CA LEU D 17 -0.77 -21.97 5.47
C LEU D 17 -0.27 -20.72 6.24
N LYS D 18 -0.55 -20.64 7.52
CA LYS D 18 -0.19 -19.50 8.35
C LYS D 18 1.33 -19.25 8.54
N THR D 19 1.77 -18.00 8.41
CA THR D 19 3.19 -17.66 8.60
C THR D 19 3.42 -17.70 10.11
N THR D 20 4.59 -18.19 10.52
CA THR D 20 4.89 -18.28 11.94
C THR D 20 5.50 -16.99 12.45
N TYR D 21 5.47 -16.84 13.78
CA TYR D 21 6.07 -15.68 14.42
C TYR D 21 7.58 -15.58 14.09
N GLU D 22 8.29 -16.70 14.14
CA GLU D 22 9.72 -16.63 13.83
C GLU D 22 10.04 -16.25 12.39
N GLU D 23 9.17 -16.66 11.46
CA GLU D 23 9.35 -16.34 10.06
C GLU D 23 9.12 -14.83 9.86
N TYR D 24 8.14 -14.28 10.58
CA TYR D 24 7.86 -12.85 10.51
C TYR D 24 9.09 -12.04 11.05
N ARG D 25 9.59 -12.40 12.23
CA ARG D 25 10.76 -11.71 12.77
C ARG D 25 11.95 -11.84 11.81
N ALA D 26 12.19 -13.05 11.30
CA ALA D 26 13.29 -13.23 10.34
C ALA D 26 13.14 -12.30 9.13
N GLY D 27 11.92 -12.19 8.59
CA GLY D 27 11.64 -11.34 7.43
C GLY D 27 11.88 -9.87 7.71
N PHE D 28 11.39 -9.41 8.86
CA PHE D 28 11.60 -8.03 9.22
C PHE D 28 13.10 -7.75 9.38
N ILE D 29 13.87 -8.66 9.98
CA ILE D 29 15.31 -8.47 10.12
C ILE D 29 16.06 -8.40 8.75
N ALA D 30 15.70 -9.29 7.83
CA ALA D 30 16.29 -9.31 6.50
C ALA D 30 15.90 -8.06 5.73
N PHE D 31 14.67 -7.57 5.91
CA PHE D 31 14.22 -6.33 5.24
C PHE D 31 15.09 -5.13 5.70
N ALA D 32 15.35 -5.07 7.01
CA ALA D 32 16.14 -4.02 7.61
C ALA D 32 17.59 -4.10 7.12
N LEU D 33 18.12 -5.30 6.98
CA LEU D 33 19.48 -5.44 6.49
C LEU D 33 19.61 -4.91 5.08
N GLU D 34 18.60 -5.21 4.27
CA GLU D 34 18.65 -4.77 2.87
C GLU D 34 18.45 -3.25 2.80
N LYS D 35 17.55 -2.73 3.62
CA LYS D 35 17.31 -1.29 3.72
C LYS D 35 18.61 -0.57 4.05
N ASN D 36 19.38 -1.07 5.02
CA ASN D 36 20.65 -0.42 5.36
C ASN D 36 21.66 -0.46 4.20
N LYS D 37 21.68 -1.57 3.47
CA LYS D 37 22.54 -1.70 2.31
C LYS D 37 22.16 -0.68 1.23
N ARG D 38 20.85 -0.49 1.03
CA ARG D 38 20.33 0.46 0.02
C ARG D 38 20.38 1.96 0.42
N SER D 39 20.55 2.21 1.71
CA SER D 39 20.55 3.55 2.29
C SER D 39 21.72 4.47 1.92
N THR D 40 22.92 3.88 1.83
CA THR D 40 24.15 4.62 1.54
C THR D 40 24.07 5.62 0.35
N PRO D 41 23.57 5.20 -0.85
CA PRO D 41 23.52 6.20 -1.91
C PRO D 41 22.65 7.41 -1.54
N TYR D 42 21.63 7.21 -0.68
CA TYR D 42 20.77 8.34 -0.29
C TYR D 42 21.52 9.32 0.59
N ILE D 43 22.25 8.78 1.56
CA ILE D 43 23.03 9.62 2.46
C ILE D 43 24.16 10.33 1.69
N GLU D 44 24.81 9.62 0.77
CA GLU D 44 25.89 10.24 0.01
C GLU D 44 25.34 11.34 -0.90
N ARG D 45 24.15 11.14 -1.51
CA ARG D 45 23.57 12.20 -2.33
C ARG D 45 23.28 13.45 -1.45
N ALA D 46 22.87 13.24 -0.19
CA ALA D 46 22.61 14.33 0.74
C ALA D 46 23.96 15.03 1.05
N ARG D 47 25.05 14.27 1.24
CA ARG D 47 26.37 14.85 1.49
C ARG D 47 26.77 15.69 0.28
N ALA D 48 26.54 15.16 -0.92
CA ALA D 48 26.91 15.85 -2.13
C ALA D 48 26.07 17.10 -2.30
N LEU D 49 24.78 17.03 -1.95
CA LEU D 49 23.90 18.20 -2.05
C LEU D 49 24.40 19.29 -1.13
N LYS D 50 24.82 18.95 0.07
CA LYS D 50 25.31 19.97 0.96
C LYS D 50 26.56 20.69 0.39
N VAL D 51 27.46 19.93 -0.22
CA VAL D 51 28.66 20.51 -0.80
C VAL D 51 28.23 21.49 -1.90
N ALA D 52 27.30 21.07 -2.76
CA ALA D 52 26.83 21.93 -3.84
C ALA D 52 26.06 23.15 -3.37
N ALA D 53 25.17 22.93 -2.43
CA ALA D 53 24.35 24.00 -1.93
C ALA D 53 25.10 24.99 -1.10
N SER D 54 26.18 24.54 -0.48
CA SER D 54 26.94 25.41 0.41
C SER D 54 27.57 26.64 -0.23
N VAL D 55 27.66 26.68 -1.57
CA VAL D 55 28.19 27.87 -2.21
C VAL D 55 27.16 29.04 -2.14
N ALA D 56 25.87 28.76 -1.89
CA ALA D 56 24.85 29.80 -1.76
C ALA D 56 25.08 30.43 -0.40
N LYS D 57 25.12 31.75 -0.34
CA LYS D 57 25.34 32.38 0.93
C LYS D 57 24.01 32.71 1.54
N THR D 58 22.97 32.71 0.71
CA THR D 58 21.61 32.99 1.18
C THR D 58 20.63 32.04 0.55
N PRO D 59 19.51 31.77 1.22
CA PRO D 59 18.52 30.86 0.63
C PRO D 59 18.17 31.23 -0.79
N LYS D 60 17.99 32.51 -1.09
CA LYS D 60 17.61 32.89 -2.45
C LYS D 60 18.67 32.58 -3.43
N ASP D 61 19.90 32.51 -2.96
CA ASP D 61 21.00 32.20 -3.85
C ASP D 61 20.91 30.78 -4.38
N LEU D 62 20.22 29.90 -3.65
CA LEU D 62 20.07 28.49 -4.05
C LEU D 62 19.35 28.37 -5.41
N LEU D 63 18.54 29.39 -5.73
CA LEU D 63 17.80 29.41 -6.98
C LEU D 63 18.72 29.50 -8.21
N TYR D 64 19.96 29.89 -7.99
CA TYR D 64 20.89 30.03 -9.11
C TYR D 64 21.83 28.85 -9.33
N LEU D 65 21.79 27.87 -8.45
CA LEU D 65 22.60 26.68 -8.61
C LEU D 65 21.72 25.67 -9.37
N GLU D 66 21.80 25.71 -10.70
CA GLU D 66 20.94 24.84 -11.49
C GLU D 66 21.08 23.36 -11.17
N ASP D 67 22.28 22.94 -10.77
CA ASP D 67 22.57 21.54 -10.46
C ASP D 67 21.77 20.93 -9.29
N ILE D 68 21.20 21.78 -8.44
CA ILE D 68 20.45 21.36 -7.28
C ILE D 68 18.95 21.64 -7.35
N GLN D 69 18.45 22.15 -8.47
CA GLN D 69 17.00 22.45 -8.54
C GLN D 69 16.07 21.26 -8.33
N ASP D 70 16.42 20.07 -8.81
CA ASP D 70 15.56 18.92 -8.60
C ASP D 70 15.52 18.55 -7.13
N ALA D 71 16.68 18.62 -6.48
CA ALA D 71 16.81 18.34 -5.04
C ALA D 71 15.96 19.37 -4.27
N LEU D 72 16.02 20.65 -4.68
CA LEU D 72 15.23 21.70 -4.04
C LEU D 72 13.73 21.38 -4.19
N LEU D 73 13.31 20.94 -5.38
CA LEU D 73 11.90 20.60 -5.58
C LEU D 73 11.56 19.45 -4.66
N TYR D 74 12.42 18.43 -4.57
CA TYR D 74 12.13 17.31 -3.70
C TYR D 74 12.03 17.73 -2.24
N ALA D 75 13.01 18.52 -1.78
CA ALA D 75 13.05 19.01 -0.40
C ALA D 75 11.84 19.89 -0.05
N SER D 76 11.21 20.47 -1.08
CA SER D 76 10.04 21.33 -0.92
C SER D 76 8.77 20.53 -0.69
N GLY D 77 8.89 19.20 -0.63
CA GLY D 77 7.73 18.37 -0.35
C GLY D 77 7.08 17.70 -1.53
N ILE D 78 7.76 17.71 -2.67
CA ILE D 78 7.25 17.13 -3.91
C ILE D 78 7.91 15.78 -4.31
N SER D 79 7.16 14.69 -4.14
CA SER D 79 7.65 13.37 -4.48
C SER D 79 7.76 13.27 -6.01
N ASP D 80 8.55 12.34 -6.51
CA ASP D 80 8.62 12.24 -7.97
C ASP D 80 7.28 11.80 -8.54
N LYS D 81 6.50 11.06 -7.73
CA LYS D 81 5.16 10.65 -8.17
C LYS D 81 4.28 11.93 -8.33
N ALA D 82 4.31 12.83 -7.35
CA ALA D 82 3.52 14.05 -7.43
C ALA D 82 3.98 15.01 -8.52
N LYS D 83 5.29 15.04 -8.76
CA LYS D 83 5.89 15.97 -9.70
C LYS D 83 5.28 15.82 -11.10
N LYS D 84 4.85 14.60 -11.44
CA LYS D 84 4.26 14.35 -12.76
C LYS D 84 3.03 15.23 -13.04
N PHE D 85 2.33 15.62 -12.00
CA PHE D 85 1.09 16.38 -12.10
C PHE D 85 1.24 17.90 -11.98
N LEU D 86 2.45 18.37 -11.73
CA LEU D 86 2.68 19.81 -11.57
C LEU D 86 3.21 20.51 -12.83
N THR D 87 2.76 21.76 -13.03
CA THR D 87 3.23 22.59 -14.14
C THR D 87 4.59 23.19 -13.68
N GLU D 88 5.35 23.78 -14.59
CA GLU D 88 6.61 24.40 -14.21
C GLU D 88 6.40 25.43 -13.09
N ASP D 89 5.31 26.19 -13.20
CA ASP D 89 4.92 27.23 -12.25
C ASP D 89 4.69 26.66 -10.87
N ASP D 90 3.99 25.53 -10.82
CA ASP D 90 3.68 24.89 -9.56
C ASP D 90 4.99 24.51 -8.90
N LYS D 91 5.89 23.95 -9.70
CA LYS D 91 7.19 23.53 -9.19
C LYS D 91 8.01 24.71 -8.63
N LYS D 92 8.09 25.80 -9.39
CA LYS D 92 8.83 26.98 -8.95
C LYS D 92 8.17 27.53 -7.70
N GLU D 93 6.85 27.48 -7.65
CA GLU D 93 6.15 27.96 -6.50
C GLU D 93 6.49 27.11 -5.27
N SER D 94 6.53 25.81 -5.44
CA SER D 94 6.86 24.91 -4.33
C SER D 94 8.25 25.25 -3.81
N ILE D 95 9.19 25.49 -4.72
CA ILE D 95 10.55 25.79 -4.28
C ILE D 95 10.56 27.12 -3.53
N ASN D 96 9.83 28.11 -4.01
CA ASN D 96 9.77 29.38 -3.29
C ASN D 96 9.17 29.20 -1.90
N ASN D 97 8.20 28.30 -1.77
CA ASN D 97 7.58 28.07 -0.47
C ASN D 97 8.62 27.52 0.49
N LEU D 98 9.47 26.63 -0.02
CA LEU D 98 10.51 26.03 0.79
C LEU D 98 11.45 27.14 1.26
N ILE D 99 11.87 27.99 0.33
CA ILE D 99 12.76 29.09 0.67
C ILE D 99 12.11 30.07 1.69
N GLU D 100 10.87 30.50 1.43
CA GLU D 100 10.22 31.45 2.32
C GLU D 100 9.71 30.90 3.62
N ASN D 101 9.23 29.65 3.59
CA ASN D 101 8.67 29.07 4.79
C ASN D 101 9.61 28.36 5.69
N PHE D 102 10.71 27.86 5.12
CA PHE D 102 11.64 27.11 5.95
C PHE D 102 13.12 27.58 5.97
N LEU D 103 13.66 27.86 4.80
CA LEU D 103 15.07 28.20 4.75
C LEU D 103 15.36 29.56 5.28
N GLU D 104 14.60 30.57 4.92
CA GLU D 104 14.88 31.90 5.45
C GLU D 104 14.68 31.87 6.98
N PRO D 105 13.57 31.30 7.43
CA PRO D 105 13.37 31.22 8.88
C PRO D 105 14.50 30.48 9.65
N ALA D 106 15.19 29.54 9.00
CA ALA D 106 16.28 28.78 9.65
C ALA D 106 17.54 29.65 9.78
N GLY D 107 17.48 30.80 9.12
CA GLY D 107 18.56 31.78 9.17
C GLY D 107 19.94 31.21 8.91
N GLU D 108 20.81 31.24 9.90
CA GLU D 108 22.17 30.72 9.71
C GLU D 108 22.17 29.22 9.47
N GLU D 109 21.12 28.53 9.89
CA GLU D 109 21.06 27.08 9.72
C GLU D 109 20.31 26.65 8.47
N PHE D 110 20.21 27.55 7.50
CA PHE D 110 19.47 27.23 6.27
C PHE D 110 20.01 26.04 5.40
N ILE D 111 21.32 25.79 5.38
CA ILE D 111 21.84 24.67 4.58
C ILE D 111 21.38 23.36 5.21
N ASP D 112 21.59 23.18 6.51
CA ASP D 112 21.14 21.93 7.09
C ASP D 112 19.61 21.86 7.06
N GLU D 113 18.90 22.98 7.16
CA GLU D 113 17.44 22.96 7.04
C GLU D 113 17.11 22.25 5.69
N LEU D 114 17.79 22.67 4.63
CA LEU D 114 17.57 22.09 3.30
C LEU D 114 17.91 20.59 3.25
N ILE D 115 19.11 20.25 3.74
CA ILE D 115 19.58 18.86 3.74
C ILE D 115 18.67 17.93 4.56
N PHE D 116 18.24 18.39 5.75
CA PHE D 116 17.35 17.66 6.63
C PHE D 116 16.00 17.43 5.92
N ARG D 117 15.46 18.46 5.23
CA ARG D 117 14.20 18.29 4.53
C ARG D 117 14.35 17.40 3.32
N TYR D 118 15.45 17.55 2.62
CA TYR D 118 15.71 16.72 1.45
C TYR D 118 15.73 15.20 1.88
N LEU D 119 16.37 14.88 3.02
CA LEU D 119 16.46 13.51 3.53
C LEU D 119 15.12 13.00 4.07
N LEU D 120 14.45 13.83 4.85
CA LEU D 120 13.17 13.46 5.37
C LEU D 120 12.22 13.03 4.23
N PHE D 121 12.12 13.81 3.15
CA PHE D 121 11.22 13.43 2.05
C PHE D 121 11.81 12.28 1.19
N GLN D 122 13.13 12.24 1.02
CA GLN D 122 13.79 11.16 0.28
C GLN D 122 13.57 9.80 1.02
N GLY D 123 13.34 9.83 2.33
CA GLY D 123 13.10 8.60 3.05
C GLY D 123 11.87 7.88 2.52
N ASP D 124 10.88 8.63 2.04
CA ASP D 124 9.66 7.99 1.50
C ASP D 124 10.04 7.36 0.15
N SER D 125 10.99 7.98 -0.56
CA SER D 125 11.46 7.42 -1.84
C SER D 125 12.22 6.09 -1.60
N LEU D 126 13.11 6.06 -0.58
CA LEU D 126 13.82 4.84 -0.24
C LEU D 126 12.80 3.78 0.13
N GLY D 127 11.80 4.14 0.94
CA GLY D 127 10.72 3.22 1.31
C GLY D 127 10.05 2.63 0.07
N GLY D 128 9.76 3.47 -0.93
CA GLY D 128 9.17 3.02 -2.18
C GLY D 128 10.07 2.03 -2.89
N THR D 129 11.36 2.34 -2.97
CA THR D 129 12.35 1.49 -3.60
C THR D 129 12.41 0.12 -2.91
N MET D 130 12.42 0.13 -1.58
CA MET D 130 12.49 -1.10 -0.78
C MET D 130 11.25 -2.00 -1.02
N ARG D 131 10.05 -1.44 -1.14
CA ARG D 131 8.84 -2.23 -1.40
C ARG D 131 8.99 -2.98 -2.75
N ASN D 132 9.56 -2.31 -3.76
CA ASN D 132 9.79 -2.91 -5.07
C ASN D 132 10.89 -3.97 -4.94
N ILE D 133 11.92 -3.70 -4.14
CA ILE D 133 13.00 -4.67 -3.94
C ILE D 133 12.46 -5.97 -3.33
N ALA D 134 11.64 -5.85 -2.29
CA ALA D 134 11.04 -7.00 -1.65
C ALA D 134 10.28 -7.84 -2.68
N GLY D 135 9.58 -7.17 -3.60
CA GLY D 135 8.85 -7.91 -4.61
C GLY D 135 9.75 -8.72 -5.53
N ALA D 136 10.82 -8.10 -6.01
CA ALA D 136 11.76 -8.78 -6.91
C ALA D 136 12.45 -9.93 -6.20
N LEU D 137 12.81 -9.75 -4.93
CA LEU D 137 13.45 -10.84 -4.21
C LEU D 137 12.54 -12.04 -4.07
N ALA D 138 11.23 -11.81 -3.92
CA ALA D 138 10.26 -12.89 -3.81
C ALA D 138 10.24 -13.66 -5.15
N GLN D 139 10.17 -12.92 -6.25
CA GLN D 139 10.16 -13.57 -7.55
C GLN D 139 11.44 -14.39 -7.67
N GLN D 140 12.59 -13.84 -7.25
CA GLN D 140 13.84 -14.59 -7.35
C GLN D 140 13.85 -15.90 -6.54
N LYS D 141 13.20 -15.86 -5.37
CA LYS D 141 13.10 -17.01 -4.50
C LYS D 141 12.30 -18.13 -5.18
N LEU D 142 11.18 -17.76 -5.81
CA LEU D 142 10.36 -18.75 -6.47
C LEU D 142 11.12 -19.33 -7.67
N THR D 143 11.82 -18.49 -8.43
CA THR D 143 12.58 -18.97 -9.58
C THR D 143 13.69 -19.94 -9.11
N ARG D 144 14.36 -19.62 -8.01
CA ARG D 144 15.42 -20.48 -7.50
C ARG D 144 14.82 -21.84 -7.18
N ALA D 145 13.62 -21.86 -6.57
CA ALA D 145 12.95 -23.12 -6.24
C ALA D 145 12.57 -23.93 -7.52
N ILE D 146 12.14 -23.22 -8.57
CA ILE D 146 11.77 -23.82 -9.84
C ILE D 146 13.01 -24.40 -10.54
N ILE D 147 14.07 -23.62 -10.71
CA ILE D 147 15.28 -24.16 -11.36
C ILE D 147 15.96 -25.26 -10.54
N SER D 148 15.93 -25.18 -9.22
CA SER D 148 16.49 -26.27 -8.42
C SER D 148 15.66 -27.54 -8.62
N ALA D 149 14.34 -27.41 -8.66
CA ALA D 149 13.49 -28.56 -8.91
C ALA D 149 13.84 -29.21 -10.28
N LEU D 150 14.09 -28.40 -11.31
CA LEU D 150 14.44 -28.91 -12.66
C LEU D 150 15.81 -29.57 -12.58
N ASP D 151 16.75 -28.90 -11.91
CA ASP D 151 18.11 -29.41 -11.76
C ASP D 151 18.10 -30.74 -11.02
N ILE D 152 17.41 -30.81 -9.88
CA ILE D 152 17.36 -32.05 -9.10
C ILE D 152 16.72 -33.22 -9.90
N ALA D 153 15.85 -32.85 -10.84
CA ALA D 153 15.18 -33.85 -11.67
C ALA D 153 15.93 -34.11 -12.97
N ASN D 154 17.09 -33.47 -13.12
CA ASN D 154 17.91 -33.65 -14.32
C ASN D 154 17.13 -33.23 -15.58
N ILE D 155 16.44 -32.09 -15.51
CA ILE D 155 15.64 -31.58 -16.65
C ILE D 155 16.27 -30.27 -17.12
N PRO D 156 16.80 -30.25 -18.33
CA PRO D 156 17.37 -28.96 -18.74
C PRO D 156 16.27 -27.90 -18.97
N TYR D 157 16.69 -26.64 -19.03
CA TYR D 157 15.76 -25.57 -19.27
C TYR D 157 16.47 -24.43 -20.00
N LYS D 158 15.69 -23.48 -20.52
CA LYS D 158 16.21 -22.30 -21.17
C LYS D 158 15.69 -21.15 -20.32
N TRP D 159 16.40 -20.03 -20.35
CA TRP D 159 15.96 -18.92 -19.58
C TRP D 159 16.01 -17.63 -20.35
N LEU D 160 15.25 -16.65 -19.87
CA LEU D 160 15.13 -15.35 -20.49
C LEU D 160 15.68 -14.31 -19.51
N ASP D 161 16.64 -13.54 -20.01
CA ASP D 161 17.32 -12.53 -19.22
C ASP D 161 16.50 -11.26 -19.11
N SER D 162 16.05 -10.94 -17.89
CA SER D 162 15.23 -9.75 -17.62
C SER D 162 15.91 -8.44 -18.09
N ARG D 163 17.25 -8.46 -18.15
CA ARG D 163 18.01 -7.30 -18.63
C ARG D 163 17.81 -7.07 -20.14
N ASP D 164 17.53 -8.14 -20.88
CA ASP D 164 17.32 -8.00 -22.33
C ASP D 164 15.84 -7.76 -22.60
N LYS D 165 15.48 -6.50 -22.80
CA LYS D 165 14.09 -6.11 -23.05
C LYS D 165 13.43 -6.56 -24.37
N LYS D 166 14.18 -7.10 -25.33
CA LYS D 166 13.50 -7.58 -26.50
C LYS D 166 12.75 -8.80 -25.97
N TYR D 167 13.22 -9.34 -24.84
CA TYR D 167 12.62 -10.51 -24.21
C TYR D 167 12.35 -11.58 -25.22
N THR D 168 13.34 -11.89 -26.03
CA THR D 168 13.14 -12.91 -27.03
C THR D 168 14.26 -13.94 -27.02
N ASN D 169 15.44 -13.56 -26.55
CA ASN D 169 16.58 -14.48 -26.58
C ASN D 169 16.62 -15.54 -25.48
N TRP D 170 15.97 -16.68 -25.73
CA TRP D 170 15.95 -17.76 -24.75
C TRP D 170 17.28 -18.51 -24.75
N MET D 171 18.01 -18.38 -23.64
CA MET D 171 19.31 -19.03 -23.55
C MET D 171 19.27 -20.34 -22.79
N ASP D 172 20.23 -21.20 -23.14
CA ASP D 172 20.32 -22.47 -22.43
C ASP D 172 20.92 -22.24 -21.04
N LYS D 173 20.44 -23.05 -20.11
CA LYS D 173 20.89 -23.00 -18.74
C LYS D 173 22.42 -23.13 -18.75
N PRO D 174 23.12 -22.32 -17.93
CA PRO D 174 24.58 -22.41 -17.86
C PRO D 174 24.91 -23.67 -17.03
N GLU D 175 26.16 -24.18 -17.09
CA GLU D 175 26.56 -25.38 -16.29
C GLU D 175 26.26 -25.24 -14.78
N ASP D 176 26.61 -24.08 -14.23
CA ASP D 176 26.30 -23.77 -12.86
C ASP D 176 25.32 -22.59 -12.92
N ASP D 177 24.06 -22.85 -12.59
CA ASP D 177 23.09 -21.79 -12.61
C ASP D 177 22.99 -21.02 -11.26
N TYR D 178 24.08 -21.04 -10.50
CA TYR D 178 24.14 -20.30 -9.24
C TYR D 178 23.65 -18.87 -9.49
N GLU D 179 22.68 -18.44 -8.71
CA GLU D 179 22.15 -17.08 -8.83
C GLU D 179 21.56 -16.67 -10.18
N LEU D 180 21.25 -17.65 -11.04
CA LEU D 180 20.59 -17.33 -12.35
C LEU D 180 19.21 -16.66 -12.11
N GLU D 181 18.54 -17.00 -10.99
CA GLU D 181 17.24 -16.45 -10.64
C GLU D 181 17.22 -14.91 -10.45
N THR D 182 18.40 -14.36 -10.21
CA THR D 182 18.57 -12.92 -10.05
C THR D 182 18.18 -12.17 -11.31
N PHE D 183 18.33 -12.83 -12.44
CA PHE D 183 18.03 -12.18 -13.72
C PHE D 183 17.10 -12.87 -14.64
N ALA D 184 16.34 -13.82 -14.13
CA ALA D 184 15.42 -14.54 -14.96
C ALA D 184 14.01 -13.97 -14.95
N LYS D 185 13.58 -13.60 -16.17
CA LYS D 185 12.26 -13.07 -16.49
C LYS D 185 11.34 -14.27 -16.80
N GLY D 186 11.93 -15.37 -17.24
CA GLY D 186 11.15 -16.56 -17.58
C GLY D 186 12.03 -17.80 -17.63
N ILE D 187 11.42 -18.96 -17.57
CA ILE D 187 12.14 -20.24 -17.59
C ILE D 187 11.30 -21.13 -18.46
N SER D 188 11.96 -21.95 -19.27
CA SER D 188 11.24 -22.84 -20.15
C SER D 188 11.79 -24.26 -20.12
N TRP D 189 10.93 -25.26 -20.12
CA TRP D 189 11.37 -26.66 -20.10
C TRP D 189 10.40 -27.58 -20.88
N THR D 190 10.76 -28.86 -20.93
CA THR D 190 9.94 -29.87 -21.59
C THR D 190 9.86 -31.04 -20.61
N ILE D 191 8.64 -31.48 -20.34
CA ILE D 191 8.41 -32.58 -19.43
C ILE D 191 7.40 -33.52 -20.11
N ASN D 192 7.71 -34.80 -20.22
CA ASN D 192 6.79 -35.76 -20.87
C ASN D 192 6.43 -35.36 -22.31
N GLY D 193 7.34 -34.72 -23.03
CA GLY D 193 7.01 -34.31 -24.38
C GLY D 193 6.38 -32.92 -24.48
N LYS D 194 5.78 -32.45 -23.39
CA LYS D 194 5.12 -31.16 -23.37
C LYS D 194 6.08 -30.02 -23.04
N HIS D 195 5.97 -28.95 -23.81
CA HIS D 195 6.80 -27.75 -23.65
C HIS D 195 6.09 -26.78 -22.72
N ARG D 196 6.84 -26.23 -21.78
CA ARG D 196 6.25 -25.34 -20.80
C ARG D 196 7.10 -24.09 -20.67
N THR D 197 6.45 -22.91 -20.67
CA THR D 197 7.15 -21.64 -20.52
C THR D 197 6.53 -20.77 -19.40
N LEU D 198 7.33 -20.53 -18.38
CA LEU D 198 6.92 -19.70 -17.26
C LEU D 198 7.45 -18.27 -17.46
N MET D 199 6.59 -17.28 -17.30
CA MET D 199 6.99 -15.90 -17.43
C MET D 199 6.44 -15.13 -16.24
N TYR D 200 7.16 -14.11 -15.81
CA TYR D 200 6.69 -13.28 -14.71
C TYR D 200 6.20 -11.91 -15.20
N ASN D 201 5.20 -11.37 -14.53
CA ASN D 201 4.70 -10.04 -14.82
C ASN D 201 4.38 -9.75 -16.28
N ILE D 202 3.42 -10.47 -16.77
CA ILE D 202 2.99 -10.41 -18.13
C ILE D 202 1.60 -9.79 -18.20
N THR D 203 1.37 -8.98 -19.22
CA THR D 203 0.04 -8.42 -19.43
C THR D 203 -0.77 -9.54 -20.06
N VAL D 204 -1.91 -9.90 -19.47
CA VAL D 204 -2.72 -10.97 -20.02
C VAL D 204 -3.86 -10.30 -20.77
N SER D 205 -3.80 -10.45 -22.09
CA SER D 205 -4.78 -9.81 -22.95
C SER D 205 -6.27 -10.00 -22.72
N LEU D 206 -6.72 -11.17 -22.26
CA LEU D 206 -8.14 -11.37 -22.03
C LEU D 206 -8.63 -10.54 -20.88
N VAL D 207 -7.87 -10.48 -19.79
CA VAL D 207 -8.27 -9.69 -18.63
C VAL D 207 -7.79 -8.27 -18.76
N LYS D 208 -6.75 -8.04 -19.59
CA LYS D 208 -6.19 -6.69 -19.78
C LYS D 208 -5.59 -6.22 -18.46
N LYS D 209 -4.96 -7.15 -17.74
CA LYS D 209 -4.32 -6.85 -16.45
C LYS D 209 -3.03 -7.65 -16.42
N ASN D 210 -2.10 -7.17 -15.62
CA ASN D 210 -0.82 -7.81 -15.46
C ASN D 210 -1.01 -8.97 -14.48
N VAL D 211 -0.23 -10.04 -14.66
CA VAL D 211 -0.29 -11.21 -13.77
C VAL D 211 1.12 -11.53 -13.32
N ASP D 212 1.29 -11.83 -12.06
CA ASP D 212 2.64 -12.11 -11.53
C ASP D 212 3.31 -13.29 -12.21
N ILE D 213 2.57 -14.42 -12.28
CA ILE D 213 3.09 -15.69 -12.82
C ILE D 213 2.17 -16.23 -13.89
N CYS D 214 2.75 -16.60 -15.03
CA CYS D 214 2.02 -17.17 -16.16
C CYS D 214 2.76 -18.37 -16.69
N LEU D 215 2.05 -19.49 -16.83
CA LEU D 215 2.64 -20.73 -17.37
C LEU D 215 1.97 -20.98 -18.68
N PHE D 216 2.75 -21.08 -19.74
CA PHE D 216 2.23 -21.30 -21.09
C PHE D 216 2.47 -22.68 -21.59
N ASN D 217 1.50 -23.17 -22.33
CA ASN D 217 1.59 -24.45 -22.99
C ASN D 217 2.21 -24.10 -24.34
N CYS D 218 3.52 -24.15 -24.45
CA CYS D 218 4.17 -23.79 -25.69
C CYS D 218 5.70 -23.66 -25.57
N GLU D 219 6.40 -24.08 -26.64
CA GLU D 219 7.84 -24.01 -26.68
C GLU D 219 8.18 -22.54 -26.41
N PRO D 220 9.33 -22.28 -25.78
CA PRO D 220 9.83 -20.94 -25.42
C PRO D 220 9.90 -19.96 -26.57
N GLN D 230 -1.10 -14.38 -25.24
CA GLN D 230 -2.09 -13.95 -26.26
C GLN D 230 -3.20 -14.98 -26.59
N GLN D 231 -2.83 -16.19 -27.00
CA GLN D 231 -3.83 -17.23 -27.30
C GLN D 231 -4.30 -17.79 -25.97
N PRO D 232 -5.52 -17.44 -25.55
CA PRO D 232 -6.10 -17.91 -24.28
C PRO D 232 -5.98 -19.38 -23.98
N GLU D 233 -6.06 -20.23 -25.00
CA GLU D 233 -5.94 -21.67 -24.76
C GLU D 233 -4.52 -22.08 -24.35
N LYS D 234 -3.54 -21.20 -24.58
CA LYS D 234 -2.12 -21.48 -24.26
C LYS D 234 -1.79 -21.24 -22.81
N TYR D 235 -2.68 -20.56 -22.10
CA TYR D 235 -2.48 -20.28 -20.65
C TYR D 235 -2.87 -21.47 -19.77
N LEU D 236 -1.85 -22.18 -19.27
CA LEU D 236 -2.08 -23.35 -18.40
C LEU D 236 -2.33 -22.91 -16.96
N LEU D 237 -1.63 -21.88 -16.51
CA LEU D 237 -1.74 -21.42 -15.14
C LEU D 237 -1.46 -19.94 -15.02
N LEU D 238 -2.19 -19.27 -14.09
CA LEU D 238 -1.99 -17.85 -13.76
C LEU D 238 -1.95 -17.79 -12.25
N GLY D 239 -1.02 -17.02 -11.71
CA GLY D 239 -0.92 -16.97 -10.27
C GLY D 239 -0.42 -15.65 -9.75
N GLU D 240 -0.72 -15.38 -8.48
CA GLU D 240 -0.31 -14.16 -7.81
C GLU D 240 0.75 -14.59 -6.81
N LEU D 241 1.78 -13.76 -6.63
CA LEU D 241 2.89 -14.07 -5.72
C LEU D 241 3.14 -12.84 -4.87
N LYS D 242 2.92 -12.94 -3.55
CA LYS D 242 3.11 -11.82 -2.61
C LYS D 242 4.31 -12.11 -1.71
N GLY D 243 5.37 -11.30 -1.87
CA GLY D 243 6.58 -11.50 -1.10
C GLY D 243 6.66 -10.65 0.15
N GLY D 244 5.60 -9.90 0.44
CA GLY D 244 5.64 -9.08 1.62
C GLY D 244 5.74 -9.90 2.90
N ILE D 245 6.44 -9.36 3.88
CA ILE D 245 6.61 -10.05 5.19
C ILE D 245 5.80 -9.42 6.28
N ASP D 246 5.08 -8.35 5.98
CA ASP D 246 4.35 -7.64 7.03
C ASP D 246 2.99 -8.26 7.27
N PRO D 247 2.74 -8.80 8.49
CA PRO D 247 1.43 -9.39 8.70
C PRO D 247 0.28 -8.37 8.52
N ALA D 248 0.54 -7.07 8.80
CA ALA D 248 -0.48 -6.01 8.69
C ALA D 248 -0.91 -5.77 7.25
N GLY D 249 -0.09 -6.27 6.30
CA GLY D 249 -0.36 -6.17 4.86
C GLY D 249 -0.87 -7.48 4.28
N ALA D 250 -0.86 -8.54 5.08
CA ALA D 250 -1.28 -9.87 4.62
C ALA D 250 -2.71 -9.88 4.04
N ASP D 251 -3.71 -9.53 4.85
CA ASP D 251 -5.09 -9.55 4.39
C ASP D 251 -5.34 -8.45 3.31
N GLU D 252 -4.66 -7.29 3.47
CA GLU D 252 -4.75 -6.20 2.52
C GLU D 252 -4.39 -6.68 1.08
N HIS D 253 -3.20 -7.24 0.90
CA HIS D 253 -2.79 -7.66 -0.44
C HIS D 253 -3.44 -8.97 -0.90
N TRP D 254 -4.01 -9.74 0.04
CA TRP D 254 -4.74 -10.94 -0.32
C TRP D 254 -6.11 -10.46 -0.91
N LYS D 255 -6.77 -9.46 -0.29
CA LYS D 255 -8.06 -8.92 -0.81
C LYS D 255 -7.81 -8.45 -2.26
N THR D 256 -6.69 -7.77 -2.49
CA THR D 256 -6.32 -7.28 -3.84
C THR D 256 -6.15 -8.44 -4.84
N ALA D 257 -5.37 -9.44 -4.44
CA ALA D 257 -5.07 -10.63 -5.26
C ALA D 257 -6.32 -11.43 -5.56
N ASN D 258 -7.22 -11.52 -4.60
CA ASN D 258 -8.40 -12.26 -4.83
C ASN D 258 -9.24 -11.60 -5.93
N THR D 259 -9.29 -10.27 -6.01
CA THR D 259 -10.07 -9.66 -7.10
C THR D 259 -9.33 -9.92 -8.37
N ALA D 260 -8.00 -9.84 -8.33
CA ALA D 260 -7.20 -10.09 -9.54
C ALA D 260 -7.49 -11.51 -10.07
N LEU D 261 -7.51 -12.49 -9.19
CA LEU D 261 -7.74 -13.86 -9.63
C LEU D 261 -9.18 -14.07 -10.10
N THR D 262 -10.13 -13.33 -9.54
CA THR D 262 -11.51 -13.41 -9.95
C THR D 262 -11.67 -12.75 -11.35
N ARG D 263 -10.99 -11.66 -11.61
CA ARG D 263 -11.04 -11.06 -12.94
C ARG D 263 -10.57 -12.15 -13.94
N ILE D 264 -9.49 -12.85 -13.59
CA ILE D 264 -8.90 -13.90 -14.43
C ILE D 264 -9.89 -15.03 -14.72
N ARG D 265 -10.43 -15.61 -13.67
CA ARG D 265 -11.40 -16.69 -13.76
C ARG D 265 -12.62 -16.29 -14.55
N ASN D 266 -13.11 -15.07 -14.31
CA ASN D 266 -14.29 -14.57 -14.99
C ASN D 266 -14.05 -14.46 -16.49
N LYS D 267 -13.00 -13.73 -16.87
CA LYS D 267 -12.70 -13.55 -18.27
C LYS D 267 -12.41 -14.86 -19.01
N PHE D 268 -11.60 -15.72 -18.39
CA PHE D 268 -11.29 -16.98 -19.05
C PHE D 268 -12.54 -17.89 -19.22
N SER D 269 -13.38 -17.98 -18.20
CA SER D 269 -14.56 -18.82 -18.26
C SER D 269 -15.48 -18.42 -19.36
N GLU D 270 -15.58 -17.10 -19.57
CA GLU D 270 -16.39 -16.54 -20.62
C GLU D 270 -16.01 -17.14 -21.93
N LYS D 271 -14.73 -17.45 -22.05
CA LYS D 271 -14.19 -18.03 -23.26
C LYS D 271 -14.23 -19.54 -23.20
N GLY D 272 -14.82 -20.09 -22.15
CA GLY D 272 -14.79 -21.54 -22.06
C GLY D 272 -13.44 -22.13 -21.59
N LEU D 273 -12.58 -21.30 -20.98
CA LEU D 273 -11.30 -21.79 -20.51
C LEU D 273 -11.23 -21.86 -18.99
N SER D 274 -10.54 -22.86 -18.49
CA SER D 274 -10.36 -22.96 -17.05
C SER D 274 -8.85 -23.09 -16.68
N PRO D 275 -8.01 -22.04 -16.91
CA PRO D 275 -6.59 -22.18 -16.54
C PRO D 275 -6.48 -22.45 -15.01
N LYS D 276 -5.39 -23.08 -14.58
CA LYS D 276 -5.21 -23.31 -13.14
C LYS D 276 -4.87 -21.96 -12.53
N THR D 277 -5.16 -21.79 -11.24
CA THR D 277 -4.83 -20.53 -10.57
C THR D 277 -4.14 -20.84 -9.25
N ILE D 278 -3.17 -20.01 -8.88
CA ILE D 278 -2.46 -20.23 -7.62
C ILE D 278 -2.21 -18.90 -6.89
N PHE D 279 -2.03 -19.02 -5.58
CA PHE D 279 -1.70 -17.90 -4.72
C PHE D 279 -0.54 -18.33 -3.83
N ILE D 280 0.55 -17.58 -3.86
CA ILE D 280 1.71 -17.88 -3.01
C ILE D 280 1.96 -16.61 -2.22
N GLY D 281 2.06 -16.72 -0.90
CA GLY D 281 2.30 -15.53 -0.11
C GLY D 281 3.25 -15.78 1.06
N ALA D 282 4.11 -14.81 1.39
CA ALA D 282 5.01 -14.95 2.53
C ALA D 282 4.31 -14.56 3.87
N ALA D 283 3.33 -13.66 3.81
CA ALA D 283 2.57 -13.21 4.99
C ALA D 283 1.13 -13.73 4.86
N ILE D 284 0.83 -14.80 5.55
CA ILE D 284 -0.48 -15.40 5.49
C ILE D 284 -1.03 -15.52 6.92
N GLU D 285 -2.11 -14.79 7.16
CA GLU D 285 -2.81 -14.73 8.44
C GLU D 285 -3.99 -15.74 8.54
N HIS D 286 -4.53 -15.98 9.74
CA HIS D 286 -5.57 -16.96 9.88
C HIS D 286 -6.85 -16.80 9.02
N SER D 287 -7.46 -15.61 9.05
CA SER D 287 -8.69 -15.37 8.27
C SER D 287 -8.51 -15.65 6.79
N MET D 288 -7.50 -15.00 6.19
CA MET D 288 -7.21 -15.25 4.77
C MET D 288 -6.84 -16.74 4.50
N ALA D 289 -6.17 -17.41 5.44
CA ALA D 289 -5.81 -18.81 5.29
C ALA D 289 -7.09 -19.62 5.16
N GLU D 290 -8.11 -19.27 5.94
CA GLU D 290 -9.39 -19.97 5.87
C GLU D 290 -10.01 -19.79 4.48
N GLU D 291 -9.93 -18.59 3.96
CA GLU D 291 -10.50 -18.34 2.64
C GLU D 291 -9.74 -19.07 1.54
N ILE D 292 -8.41 -19.12 1.63
CA ILE D 292 -7.59 -19.82 0.63
C ILE D 292 -7.93 -21.32 0.68
N TRP D 293 -8.01 -21.87 1.88
CA TRP D 293 -8.36 -23.27 2.07
C TRP D 293 -9.75 -23.56 1.47
N ASP D 294 -10.72 -22.71 1.76
CA ASP D 294 -12.05 -22.91 1.19
C ASP D 294 -12.00 -22.93 -0.34
N GLN D 295 -11.21 -22.02 -0.92
CA GLN D 295 -11.08 -21.93 -2.39
C GLN D 295 -10.35 -23.14 -2.96
N LEU D 296 -9.39 -23.68 -2.23
CA LEU D 296 -8.71 -24.89 -2.69
C LEU D 296 -9.72 -26.06 -2.65
N GLN D 297 -10.52 -26.15 -1.58
CA GLN D 297 -11.53 -27.21 -1.44
C GLN D 297 -12.60 -27.10 -2.53
N SER D 298 -13.02 -25.89 -2.84
CA SER D 298 -14.05 -25.67 -3.84
C SER D 298 -13.51 -25.76 -5.26
N GLY D 299 -12.21 -25.79 -5.39
CA GLY D 299 -11.66 -25.88 -6.71
C GLY D 299 -11.51 -24.51 -7.34
N SER D 300 -11.91 -23.45 -6.67
CA SER D 300 -11.75 -22.15 -7.32
C SER D 300 -10.25 -21.74 -7.37
N LEU D 301 -9.44 -22.18 -6.42
CA LEU D 301 -8.00 -21.94 -6.48
C LEU D 301 -7.41 -23.37 -6.61
N THR D 302 -6.47 -23.56 -7.52
CA THR D 302 -5.84 -24.86 -7.77
C THR D 302 -4.76 -25.29 -6.77
N ASN D 303 -3.97 -24.32 -6.31
CA ASN D 303 -2.90 -24.61 -5.36
C ASN D 303 -2.46 -23.34 -4.66
N SER D 304 -1.73 -23.50 -3.57
CA SER D 304 -1.26 -22.36 -2.80
C SER D 304 -0.09 -22.78 -1.95
N ALA D 305 0.78 -21.84 -1.62
CA ALA D 305 1.91 -22.17 -0.77
C ALA D 305 2.32 -20.92 0.04
N ASN D 306 2.80 -21.15 1.26
CA ASN D 306 3.32 -20.06 2.05
C ASN D 306 4.81 -20.02 1.63
N LEU D 307 5.21 -18.89 1.04
CA LEU D 307 6.56 -18.68 0.52
C LEU D 307 7.67 -18.80 1.58
N THR D 308 7.38 -18.65 2.86
CA THR D 308 8.43 -18.78 3.88
C THR D 308 8.64 -20.24 4.31
N LYS D 309 7.82 -21.16 3.77
CA LYS D 309 7.89 -22.57 4.10
C LYS D 309 8.37 -23.39 2.91
N THR D 310 9.65 -23.70 3.00
CA THR D 310 10.36 -24.49 2.00
C THR D 310 9.68 -25.72 1.46
N GLU D 311 9.10 -26.53 2.35
CA GLU D 311 8.48 -27.73 1.87
C GLU D 311 7.27 -27.43 1.02
N GLN D 312 6.56 -26.34 1.32
CA GLN D 312 5.37 -26.00 0.53
C GLN D 312 5.77 -25.48 -0.80
N VAL D 313 6.79 -24.62 -0.78
CA VAL D 313 7.26 -24.04 -2.03
C VAL D 313 7.79 -25.15 -2.94
N GLY D 314 8.57 -26.06 -2.37
CA GLY D 314 9.12 -27.16 -3.17
C GLY D 314 8.08 -28.05 -3.79
N SER D 315 7.09 -28.42 -2.99
CA SER D 315 6.00 -29.26 -3.44
C SER D 315 5.24 -28.53 -4.55
N LEU D 316 4.98 -27.24 -4.38
CA LEU D 316 4.22 -26.49 -5.38
C LEU D 316 5.01 -26.41 -6.69
N CYS D 317 6.32 -26.17 -6.58
CA CYS D 317 7.22 -26.06 -7.74
C CYS D 317 7.36 -27.39 -8.51
N ARG D 318 7.46 -28.49 -7.80
CA ARG D 318 7.55 -29.79 -8.45
C ARG D 318 6.22 -30.02 -9.20
N TRP D 319 5.11 -29.65 -8.58
CA TRP D 319 3.83 -29.78 -9.21
C TRP D 319 3.75 -28.90 -10.48
N ILE D 320 4.25 -27.65 -10.37
CA ILE D 320 4.20 -26.72 -11.51
C ILE D 320 4.94 -27.24 -12.72
N ILE D 321 6.12 -27.82 -12.47
CA ILE D 321 6.96 -28.35 -13.50
C ILE D 321 6.31 -29.54 -14.24
N ASN D 322 5.42 -30.24 -13.53
CA ASN D 322 4.76 -31.40 -14.09
C ASN D 322 3.38 -31.16 -14.66
N ILE D 323 2.91 -29.92 -14.60
CA ILE D 323 1.60 -29.53 -15.12
C ILE D 323 1.59 -29.76 -16.65
#